data_1QCJ
#
_entry.id   1QCJ
#
_cell.length_a   48.190
_cell.length_b   48.500
_cell.length_c   63.920
_cell.angle_alpha   68.850
_cell.angle_beta   81.780
_cell.angle_gamma   64.620
#
_symmetry.space_group_name_H-M   'P 1'
#
loop_
_entity.id
_entity.type
_entity.pdbx_description
1 polymer 'POKEWEED ANTIVIRAL PROTEIN'
2 non-polymer 2-AMINO-6-[(4-CARBOXY-PHENYLAMINO)-METHYL]-4-HYDROXY-PTERIDIN-1-IUM
3 water water
#
_entity_poly.entity_id   1
_entity_poly.type   'polypeptide(L)'
_entity_poly.pdbx_seq_one_letter_code
;VNTIIYNVGSTTISKYATFLNDLRNEAKDPSLKCYGIPMLPNTNTNPKYVLVELQGSNKKTITLMLRRNNLYVMGYSDPF
ETNKCRYHIFNDISGTERQDVETTLCPNANSRVSKNINFDSRYPTLESKAGVKSRSQVQLGIQILDSNIGKISGVMSFTE
KTEAEFLLVAIQMVSEAARFKYIENQVKTNFNRAFNPNPKVLNLQETWGKISTAIHDAKNGVLPKPLELVDASGAKWIVL
RVDEIKPDVALLNYVGGSCQTT
;
_entity_poly.pdbx_strand_id   A,B
#
loop_
_chem_comp.id
_chem_comp.type
_chem_comp.name
_chem_comp.formula
APT non-polymer 2-AMINO-6-[(4-CARBOXY-PHENYLAMINO)-METHYL]-4-HYDROXY-PTERIDIN-1-IUM 'C14 H13 N6 O3 1'
#
# COMPACT_ATOMS: atom_id res chain seq x y z
N VAL A 1 11.05 -12.68 19.06
CA VAL A 1 11.61 -12.22 17.77
C VAL A 1 13.02 -12.76 17.58
N ASN A 2 13.31 -13.21 16.36
CA ASN A 2 14.63 -13.72 16.04
C ASN A 2 15.45 -12.70 15.28
N THR A 3 16.76 -12.74 15.46
CA THR A 3 17.64 -11.83 14.74
C THR A 3 18.60 -12.61 13.86
N ILE A 4 18.77 -12.14 12.64
CA ILE A 4 19.68 -12.77 11.68
C ILE A 4 20.96 -11.93 11.77
N ILE A 5 22.06 -12.57 12.13
CA ILE A 5 23.31 -11.83 12.25
C ILE A 5 24.17 -11.95 10.98
N TYR A 6 24.58 -10.80 10.45
CA TYR A 6 25.40 -10.79 9.25
C TYR A 6 26.64 -9.95 9.49
N ASN A 7 27.80 -10.56 9.31
CA ASN A 7 29.08 -9.87 9.49
C ASN A 7 29.38 -9.14 8.17
N VAL A 8 29.17 -7.84 8.16
CA VAL A 8 29.44 -7.04 6.96
C VAL A 8 30.93 -6.69 6.83
N GLY A 9 31.65 -6.75 7.94
CA GLY A 9 33.07 -6.44 7.92
C GLY A 9 33.95 -7.54 7.38
N SER A 10 33.42 -8.75 7.34
CA SER A 10 34.18 -9.88 6.85
C SER A 10 33.25 -10.97 6.30
N THR A 11 33.14 -11.01 4.98
CA THR A 11 32.26 -11.97 4.29
C THR A 11 32.77 -12.51 2.96
N THR A 12 31.99 -13.44 2.40
CA THR A 12 32.19 -14.07 1.10
C THR A 12 30.77 -14.05 0.49
N ILE A 13 30.61 -14.48 -0.76
CA ILE A 13 29.27 -14.48 -1.38
C ILE A 13 28.40 -15.58 -0.83
N SER A 14 29.02 -16.67 -0.37
CA SER A 14 28.29 -17.80 0.18
C SER A 14 27.70 -17.44 1.55
N LYS A 15 28.36 -16.51 2.24
CA LYS A 15 27.89 -16.07 3.53
C LYS A 15 26.71 -15.11 3.31
N TYR A 16 26.81 -14.33 2.24
CA TYR A 16 25.76 -13.39 1.89
C TYR A 16 24.53 -14.20 1.53
N ALA A 17 24.73 -15.24 0.73
CA ALA A 17 23.66 -16.12 0.29
C ALA A 17 22.97 -16.79 1.47
N THR A 18 23.78 -17.22 2.43
CA THR A 18 23.27 -17.87 3.62
C THR A 18 22.48 -16.88 4.45
N PHE A 19 22.98 -15.66 4.53
CA PHE A 19 22.33 -14.61 5.28
C PHE A 19 20.91 -14.41 4.77
N LEU A 20 20.77 -14.06 3.49
CA LEU A 20 19.46 -13.84 2.86
C LEU A 20 18.60 -15.09 2.97
N ASN A 21 19.23 -16.23 2.77
CA ASN A 21 18.55 -17.51 2.87
C ASN A 21 17.90 -17.64 4.25
N ASP A 22 18.62 -17.22 5.29
CA ASP A 22 18.14 -17.28 6.67
C ASP A 22 17.07 -16.23 6.95
N LEU A 23 17.17 -15.08 6.29
CA LEU A 23 16.19 -14.02 6.48
C LEU A 23 14.88 -14.32 5.74
N ARG A 24 14.99 -15.08 4.66
CA ARG A 24 13.83 -15.45 3.87
C ARG A 24 13.13 -16.58 4.59
N ASN A 25 13.90 -17.54 5.05
CA ASN A 25 13.37 -18.68 5.76
C ASN A 25 12.66 -18.27 7.03
N GLU A 26 13.13 -17.18 7.62
CA GLU A 26 12.58 -16.66 8.86
C GLU A 26 11.38 -15.74 8.62
N ALA A 27 11.50 -14.90 7.59
CA ALA A 27 10.44 -13.95 7.20
C ALA A 27 9.20 -14.62 6.62
N LYS A 28 9.40 -15.50 5.64
CA LYS A 28 8.29 -16.20 4.97
C LYS A 28 7.27 -16.86 5.88
N ASP A 29 6.11 -17.15 5.32
CA ASP A 29 5.06 -17.83 6.07
C ASP A 29 5.45 -19.27 5.87
N PRO A 30 5.36 -20.09 6.94
CA PRO A 30 5.74 -21.50 6.81
C PRO A 30 4.99 -22.29 5.75
N SER A 31 3.91 -21.74 5.20
CA SER A 31 3.15 -22.48 4.21
C SER A 31 2.61 -21.68 3.02
N LEU A 32 2.37 -20.40 3.22
CA LEU A 32 1.87 -19.56 2.14
C LEU A 32 2.86 -19.46 0.98
N LYS A 33 2.37 -19.81 -0.20
CA LYS A 33 3.16 -19.77 -1.42
C LYS A 33 2.29 -19.86 -2.67
N CYS A 34 2.63 -19.03 -3.67
CA CYS A 34 1.92 -19.01 -4.94
C CYS A 34 2.91 -19.32 -6.05
N TYR A 35 2.63 -20.39 -6.79
CA TYR A 35 3.47 -20.86 -7.88
C TYR A 35 4.87 -21.24 -7.45
N GLY A 36 4.97 -21.83 -6.27
CA GLY A 36 6.27 -22.28 -5.76
C GLY A 36 7.17 -21.22 -5.17
N ILE A 37 6.65 -20.01 -5.03
CA ILE A 37 7.43 -18.92 -4.46
C ILE A 37 6.85 -18.67 -3.08
N PRO A 38 7.72 -18.56 -2.05
CA PRO A 38 7.22 -18.31 -0.70
C PRO A 38 6.62 -16.93 -0.54
N MET A 39 5.52 -16.85 0.19
CA MET A 39 4.83 -15.60 0.42
C MET A 39 4.99 -15.16 1.89
N LEU A 40 5.08 -13.85 2.08
CA LEU A 40 5.23 -13.31 3.41
C LEU A 40 3.97 -13.65 4.20
N PRO A 41 4.00 -13.47 5.54
CA PRO A 41 2.76 -13.83 6.23
C PRO A 41 1.71 -12.76 6.45
N ASN A 42 0.51 -13.20 6.79
CA ASN A 42 -0.61 -12.30 7.11
C ASN A 42 -0.18 -11.53 8.37
N THR A 43 -0.54 -10.25 8.45
CA THR A 43 -0.17 -9.42 9.60
C THR A 43 -0.51 -9.95 10.99
N ASN A 44 -1.49 -10.85 11.06
CA ASN A 44 -1.94 -11.44 12.32
C ASN A 44 -1.05 -12.61 12.74
N THR A 45 -0.21 -13.07 11.83
CA THR A 45 0.71 -14.18 12.09
C THR A 45 1.85 -13.76 13.02
N ASN A 46 2.18 -14.61 13.97
CA ASN A 46 3.26 -14.31 14.90
C ASN A 46 4.44 -15.25 14.69
N PRO A 47 5.67 -14.73 14.83
CA PRO A 47 5.99 -13.33 15.16
C PRO A 47 5.69 -12.36 14.02
N LYS A 48 5.55 -11.08 14.34
CA LYS A 48 5.24 -10.12 13.28
C LYS A 48 6.49 -9.48 12.75
N TYR A 49 7.62 -9.70 13.43
CA TYR A 49 8.88 -9.09 13.05
C TYR A 49 10.08 -10.02 12.98
N VAL A 50 11.19 -9.47 12.52
CA VAL A 50 12.45 -10.19 12.41
C VAL A 50 13.56 -9.14 12.44
N LEU A 51 14.64 -9.45 13.16
CA LEU A 51 15.75 -8.52 13.27
C LEU A 51 16.91 -8.93 12.39
N VAL A 52 17.72 -7.96 12.00
CA VAL A 52 18.88 -8.20 11.16
C VAL A 52 20.05 -7.41 11.73
N GLU A 53 20.92 -8.11 12.45
CA GLU A 53 22.07 -7.46 13.05
C GLU A 53 23.20 -7.39 12.04
N LEU A 54 23.57 -6.17 11.68
CA LEU A 54 24.61 -5.91 10.71
C LEU A 54 25.86 -5.54 11.47
N GLN A 55 26.83 -6.45 11.47
CA GLN A 55 28.09 -6.25 12.16
C GLN A 55 29.15 -5.68 11.26
N GLY A 56 29.33 -4.37 11.30
CA GLY A 56 30.35 -3.74 10.47
C GLY A 56 31.77 -3.96 11.02
N SER A 57 32.72 -3.17 10.53
CA SER A 57 34.11 -3.26 10.97
C SER A 57 34.25 -2.30 12.14
N ASN A 58 35.37 -2.41 12.84
CA ASN A 58 35.68 -1.55 13.97
C ASN A 58 34.64 -1.60 15.07
N LYS A 59 34.01 -2.76 15.22
CA LYS A 59 32.99 -3.00 16.24
C LYS A 59 31.80 -2.06 16.10
N LYS A 60 31.45 -1.75 14.86
CA LYS A 60 30.32 -0.88 14.56
C LYS A 60 29.21 -1.79 14.09
N THR A 61 28.12 -1.84 14.86
CA THR A 61 26.98 -2.68 14.52
C THR A 61 25.69 -1.85 14.47
N ILE A 62 24.74 -2.31 13.67
CA ILE A 62 23.43 -1.69 13.54
C ILE A 62 22.44 -2.83 13.36
N THR A 63 21.33 -2.77 14.08
CA THR A 63 20.32 -3.82 13.96
C THR A 63 19.10 -3.23 13.26
N LEU A 64 18.61 -3.94 12.27
CA LEU A 64 17.45 -3.54 11.51
C LEU A 64 16.22 -4.30 11.96
N MET A 65 15.12 -3.57 12.13
CA MET A 65 13.88 -4.23 12.50
C MET A 65 12.96 -4.29 11.28
N LEU A 66 12.61 -5.51 10.86
CA LEU A 66 11.75 -5.69 9.70
C LEU A 66 10.40 -6.33 10.02
N ARG A 67 9.35 -5.83 9.36
CA ARG A 67 8.01 -6.37 9.52
C ARG A 67 7.97 -7.57 8.59
N ARG A 68 7.51 -8.71 9.08
CA ARG A 68 7.45 -9.92 8.27
C ARG A 68 6.42 -9.90 7.14
N ASN A 69 5.29 -9.21 7.36
CA ASN A 69 4.20 -9.12 6.38
C ASN A 69 4.57 -8.53 5.00
N ASN A 70 5.45 -7.54 5.00
CA ASN A 70 5.90 -6.90 3.75
C ASN A 70 7.41 -6.67 3.69
N LEU A 71 8.15 -7.20 4.67
CA LEU A 71 9.62 -7.08 4.76
C LEU A 71 10.15 -5.65 4.86
N TYR A 72 9.29 -4.71 5.23
CA TYR A 72 9.72 -3.33 5.32
C TYR A 72 10.55 -3.08 6.57
N VAL A 73 11.55 -2.21 6.44
CA VAL A 73 12.40 -1.83 7.55
C VAL A 73 11.57 -0.77 8.29
N MET A 74 11.38 -1.00 9.59
CA MET A 74 10.58 -0.10 10.41
C MET A 74 11.44 0.84 11.20
N GLY A 75 12.72 0.49 11.31
CA GLY A 75 13.68 1.29 12.04
C GLY A 75 14.95 0.50 12.31
N TYR A 76 15.88 1.09 13.04
CA TYR A 76 17.12 0.40 13.37
C TYR A 76 17.64 0.86 14.72
N SER A 77 18.59 0.12 15.27
CA SER A 77 19.19 0.47 16.55
C SER A 77 20.68 0.27 16.47
N ASP A 78 21.40 0.88 17.38
CA ASP A 78 22.85 0.72 17.40
C ASP A 78 23.39 0.82 18.82
N PRO A 79 24.51 0.12 19.09
CA PRO A 79 25.01 0.25 20.45
C PRO A 79 25.48 1.69 20.61
N PHE A 80 25.07 2.31 21.71
CA PHE A 80 25.40 3.69 21.95
C PHE A 80 25.94 3.90 23.35
N GLU A 81 26.91 4.80 23.48
CA GLU A 81 27.57 5.15 24.75
C GLU A 81 27.94 3.92 25.60
N THR A 82 27.48 3.86 26.84
CA THR A 82 27.81 2.68 27.66
C THR A 82 26.87 1.49 27.37
N ASN A 83 25.92 1.24 28.27
CA ASN A 83 24.98 0.15 28.12
C ASN A 83 23.75 0.52 27.25
N LYS A 84 23.84 1.66 26.55
CA LYS A 84 22.73 2.14 25.72
C LYS A 84 22.43 1.43 24.40
N CYS A 85 21.15 1.45 24.05
CA CYS A 85 20.64 0.88 22.81
C CYS A 85 19.83 2.02 22.20
N ARG A 86 20.34 2.61 21.13
CA ARG A 86 19.65 3.73 20.50
C ARG A 86 18.74 3.24 19.36
N TYR A 87 17.43 3.37 19.55
CA TYR A 87 16.48 2.93 18.52
C TYR A 87 16.03 4.13 17.71
N HIS A 88 15.84 3.90 16.42
CA HIS A 88 15.44 4.95 15.50
C HIS A 88 14.26 4.37 14.75
N ILE A 89 13.09 4.94 14.99
CA ILE A 89 11.89 4.45 14.33
C ILE A 89 11.59 5.36 13.14
N PHE A 90 11.19 4.77 12.02
CA PHE A 90 10.82 5.52 10.83
C PHE A 90 9.59 6.38 11.20
N ASN A 91 9.44 7.54 10.57
CA ASN A 91 8.32 8.41 10.90
C ASN A 91 6.97 7.91 10.34
N ASP A 92 7.03 6.91 9.47
CA ASP A 92 5.86 6.30 8.87
C ASP A 92 5.38 5.10 9.66
N ILE A 93 5.88 4.98 10.89
CA ILE A 93 5.47 3.90 11.78
C ILE A 93 4.48 4.56 12.72
N SER A 94 3.38 3.88 12.99
CA SER A 94 2.33 4.47 13.80
C SER A 94 1.68 3.54 14.79
N GLY A 95 1.11 4.13 15.83
CA GLY A 95 0.43 3.36 16.86
C GLY A 95 1.30 2.41 17.68
N THR A 96 0.76 1.21 17.91
CA THR A 96 1.43 0.19 18.67
C THR A 96 2.75 -0.21 18.05
N GLU A 97 2.82 -0.14 16.72
CA GLU A 97 4.04 -0.50 16.00
C GLU A 97 5.23 0.30 16.45
N ARG A 98 5.01 1.54 16.87
CA ARG A 98 6.09 2.40 17.34
C ARG A 98 6.63 1.97 18.71
N GLN A 99 5.78 1.28 19.49
CA GLN A 99 6.17 0.77 20.80
C GLN A 99 6.85 -0.56 20.51
N ASP A 100 6.40 -1.22 19.45
CA ASP A 100 6.97 -2.50 19.05
C ASP A 100 8.38 -2.35 18.52
N VAL A 101 8.69 -1.22 17.88
CA VAL A 101 10.03 -1.00 17.35
C VAL A 101 11.00 -0.72 18.51
N GLU A 102 10.53 0.09 19.45
CA GLU A 102 11.30 0.43 20.63
C GLU A 102 11.60 -0.77 21.53
N THR A 103 10.58 -1.56 21.84
CA THR A 103 10.74 -2.71 22.72
C THR A 103 11.37 -3.93 22.05
N THR A 104 11.13 -4.09 20.75
CA THR A 104 11.68 -5.22 20.04
C THR A 104 13.15 -5.01 19.71
N LEU A 105 13.52 -3.77 19.42
CA LEU A 105 14.92 -3.44 19.11
C LEU A 105 15.74 -3.37 20.39
N CYS A 106 15.25 -2.61 21.37
CA CYS A 106 15.92 -2.44 22.65
C CYS A 106 15.09 -3.01 23.80
N PRO A 107 15.15 -4.33 24.02
CA PRO A 107 14.40 -5.00 25.09
C PRO A 107 14.63 -4.42 26.49
N ASN A 108 15.86 -4.01 26.78
CA ASN A 108 16.19 -3.43 28.07
C ASN A 108 15.67 -2.00 28.13
N ALA A 109 14.49 -1.84 28.73
CA ALA A 109 13.84 -0.54 28.87
C ALA A 109 14.66 0.45 29.66
N ASN A 110 15.49 -0.10 30.55
CA ASN A 110 16.36 0.69 31.43
C ASN A 110 17.47 1.47 30.70
N SER A 111 18.09 0.84 29.70
CA SER A 111 19.19 1.46 28.99
C SER A 111 18.95 1.85 27.54
N ARG A 112 17.70 1.89 27.10
CA ARG A 112 17.45 2.26 25.71
C ARG A 112 17.15 3.74 25.55
N VAL A 113 17.67 4.30 24.46
CA VAL A 113 17.46 5.70 24.14
C VAL A 113 16.87 5.84 22.74
N SER A 114 16.18 6.95 22.51
CA SER A 114 15.53 7.23 21.25
C SER A 114 16.21 8.26 20.39
N LYS A 115 16.22 7.97 19.08
CA LYS A 115 16.74 8.88 18.08
C LYS A 115 15.92 8.60 16.82
N ASN A 116 14.77 9.28 16.75
CA ASN A 116 13.80 9.19 15.66
C ASN A 116 14.36 9.43 14.26
N ILE A 117 13.87 8.67 13.29
CA ILE A 117 14.24 8.89 11.90
C ILE A 117 13.13 9.87 11.47
N ASN A 118 13.50 11.14 11.36
CA ASN A 118 12.57 12.20 11.03
C ASN A 118 12.05 12.29 9.59
N PHE A 119 11.81 11.14 8.99
CA PHE A 119 11.31 11.06 7.63
C PHE A 119 10.84 9.62 7.38
N ASP A 120 10.07 9.42 6.32
CA ASP A 120 9.59 8.09 6.03
C ASP A 120 10.58 7.25 5.24
N SER A 121 10.22 6.00 5.01
CA SER A 121 11.03 5.04 4.31
C SER A 121 10.83 4.99 2.79
N ARG A 122 10.00 5.88 2.26
CA ARG A 122 9.75 5.89 0.81
C ARG A 122 11.00 6.34 0.08
N TYR A 123 11.40 5.57 -0.92
CA TYR A 123 12.57 5.89 -1.72
C TYR A 123 12.68 7.35 -2.15
N PRO A 124 11.56 7.98 -2.59
CA PRO A 124 11.70 9.38 -2.99
C PRO A 124 12.10 10.29 -1.84
N THR A 125 11.73 9.90 -0.62
CA THR A 125 12.08 10.66 0.59
C THR A 125 13.56 10.40 0.91
N LEU A 126 13.94 9.13 0.90
CA LEU A 126 15.31 8.72 1.18
C LEU A 126 16.26 9.35 0.18
N GLU A 127 15.85 9.34 -1.09
CA GLU A 127 16.64 9.90 -2.19
C GLU A 127 16.78 11.39 -1.98
N SER A 128 15.68 12.01 -1.55
CA SER A 128 15.67 13.44 -1.31
C SER A 128 16.61 13.82 -0.18
N LYS A 129 16.63 13.00 0.87
CA LYS A 129 17.52 13.24 2.01
C LYS A 129 18.98 12.98 1.60
N ALA A 130 19.19 11.94 0.79
CA ALA A 130 20.53 11.60 0.30
C ALA A 130 21.02 12.68 -0.68
N GLY A 131 20.10 13.53 -1.14
CA GLY A 131 20.43 14.59 -2.08
C GLY A 131 20.68 14.10 -3.50
N VAL A 132 19.89 13.10 -3.91
CA VAL A 132 20.01 12.51 -5.25
C VAL A 132 18.62 12.37 -5.91
N LYS A 133 18.54 12.60 -7.21
CA LYS A 133 17.25 12.47 -7.87
C LYS A 133 16.86 11.01 -8.03
N SER A 134 17.85 10.13 -7.91
CA SER A 134 17.62 8.70 -8.03
C SER A 134 18.65 7.93 -7.24
N ARG A 135 18.19 6.86 -6.59
CA ARG A 135 19.05 6.00 -5.80
C ARG A 135 20.06 5.27 -6.67
N SER A 136 19.91 5.42 -7.99
CA SER A 136 20.82 4.82 -8.98
C SER A 136 22.18 5.50 -8.83
N GLN A 137 22.17 6.72 -8.29
CA GLN A 137 23.37 7.51 -8.05
C GLN A 137 24.10 7.13 -6.74
N VAL A 138 23.47 6.27 -5.93
CA VAL A 138 24.05 5.83 -4.66
C VAL A 138 24.47 4.36 -4.84
N GLN A 139 25.75 4.14 -5.08
CA GLN A 139 26.24 2.79 -5.27
C GLN A 139 25.99 1.92 -4.04
N LEU A 140 25.77 0.63 -4.30
CA LEU A 140 25.55 -0.40 -3.29
C LEU A 140 26.85 -1.21 -3.30
N GLY A 141 27.10 -1.97 -2.24
CA GLY A 141 28.32 -2.78 -2.16
C GLY A 141 28.63 -3.07 -0.71
N ILE A 142 29.25 -4.22 -0.45
CA ILE A 142 29.60 -4.64 0.90
C ILE A 142 30.43 -3.61 1.66
N GLN A 143 31.56 -3.22 1.08
CA GLN A 143 32.44 -2.24 1.71
C GLN A 143 31.73 -0.91 1.92
N ILE A 144 30.76 -0.61 1.05
CA ILE A 144 29.99 0.61 1.18
C ILE A 144 29.02 0.51 2.39
N LEU A 145 28.33 -0.62 2.52
CA LEU A 145 27.40 -0.79 3.62
C LEU A 145 28.17 -0.69 4.95
N ASP A 146 29.33 -1.33 5.00
CA ASP A 146 30.20 -1.34 6.17
C ASP A 146 30.56 0.09 6.57
N SER A 147 30.87 0.89 5.57
CA SER A 147 31.24 2.28 5.77
C SER A 147 30.07 3.16 6.22
N ASN A 148 28.86 2.81 5.82
CA ASN A 148 27.69 3.60 6.21
C ASN A 148 27.31 3.29 7.66
N ILE A 149 27.51 2.03 8.04
CA ILE A 149 27.25 1.58 9.40
C ILE A 149 28.19 2.35 10.34
N GLY A 150 29.46 2.41 9.99
CA GLY A 150 30.43 3.12 10.80
C GLY A 150 30.17 4.61 10.98
N LYS A 151 29.49 5.22 10.01
CA LYS A 151 29.17 6.65 10.09
C LYS A 151 27.98 6.92 11.03
N ILE A 152 27.27 5.87 11.42
CA ILE A 152 26.10 6.00 12.28
C ILE A 152 26.24 5.33 13.65
N SER A 153 26.67 4.07 13.64
CA SER A 153 26.85 3.27 14.84
C SER A 153 27.69 3.91 15.95
N GLY A 154 27.02 4.42 16.98
CA GLY A 154 27.70 5.02 18.11
C GLY A 154 27.98 6.49 17.98
N VAL A 155 27.75 7.05 16.79
CA VAL A 155 27.99 8.47 16.56
C VAL A 155 26.74 9.28 16.90
N MET A 156 26.89 10.11 17.92
CA MET A 156 25.84 10.95 18.47
C MET A 156 25.08 11.79 17.46
N SER A 157 25.80 12.36 16.50
CA SER A 157 25.20 13.19 15.50
C SER A 157 25.69 12.90 14.10
N PHE A 158 24.75 12.51 13.25
CA PHE A 158 24.99 12.22 11.84
C PHE A 158 23.88 12.96 11.12
N THR A 159 24.12 13.34 9.89
CA THR A 159 23.11 14.09 9.16
C THR A 159 22.02 13.19 8.55
N GLU A 160 20.95 13.80 8.05
CA GLU A 160 19.86 13.05 7.43
C GLU A 160 20.34 12.44 6.12
N LYS A 161 21.34 13.07 5.51
CA LYS A 161 21.94 12.58 4.27
C LYS A 161 22.70 11.33 4.58
N THR A 162 23.54 11.40 5.61
CA THR A 162 24.35 10.26 6.04
C THR A 162 23.43 9.13 6.42
N GLU A 163 22.34 9.48 7.10
CA GLU A 163 21.37 8.51 7.55
C GLU A 163 20.61 7.88 6.40
N ALA A 164 20.14 8.73 5.48
CA ALA A 164 19.40 8.29 4.31
C ALA A 164 20.28 7.37 3.45
N GLU A 165 21.55 7.73 3.31
CA GLU A 165 22.50 6.94 2.54
C GLU A 165 22.65 5.56 3.12
N PHE A 166 22.75 5.48 4.45
CA PHE A 166 22.86 4.18 5.09
C PHE A 166 21.60 3.38 4.80
N LEU A 167 20.45 4.02 5.03
CA LEU A 167 19.14 3.39 4.81
C LEU A 167 19.02 2.86 3.39
N LEU A 168 19.16 3.73 2.40
CA LEU A 168 19.08 3.36 0.99
C LEU A 168 19.90 2.09 0.71
N VAL A 169 21.17 2.10 1.13
CA VAL A 169 22.08 0.96 0.92
C VAL A 169 21.65 -0.31 1.66
N ALA A 170 21.28 -0.16 2.93
CA ALA A 170 20.86 -1.30 3.75
C ALA A 170 19.52 -1.90 3.31
N ILE A 171 18.56 -1.05 3.00
CA ILE A 171 17.24 -1.51 2.56
C ILE A 171 17.33 -2.36 1.32
N GLN A 172 18.20 -1.97 0.39
CA GLN A 172 18.36 -2.70 -0.86
C GLN A 172 19.20 -3.95 -0.78
N MET A 173 20.22 -3.94 0.08
CA MET A 173 21.08 -5.12 0.20
C MET A 173 20.49 -6.13 1.18
N VAL A 174 19.47 -5.71 1.93
CA VAL A 174 18.84 -6.63 2.87
C VAL A 174 17.46 -7.07 2.38
N SER A 175 16.44 -6.27 2.61
CA SER A 175 15.08 -6.64 2.19
C SER A 175 14.90 -6.75 0.67
N GLU A 176 15.44 -5.81 -0.10
CA GLU A 176 15.27 -5.93 -1.54
C GLU A 176 16.03 -7.14 -2.06
N ALA A 177 17.17 -7.45 -1.45
CA ALA A 177 17.93 -8.61 -1.90
C ALA A 177 17.21 -9.89 -1.50
N ALA A 178 16.50 -9.85 -0.37
CA ALA A 178 15.75 -11.03 0.10
C ALA A 178 14.49 -11.25 -0.75
N ARG A 179 13.82 -10.14 -1.10
CA ARG A 179 12.60 -10.18 -1.90
C ARG A 179 12.89 -10.65 -3.32
N PHE A 180 14.03 -10.27 -3.86
CA PHE A 180 14.38 -10.63 -5.22
C PHE A 180 15.72 -11.34 -5.39
N LYS A 181 15.68 -12.52 -5.98
CA LYS A 181 16.87 -13.29 -6.26
C LYS A 181 17.76 -12.49 -7.19
N TYR A 182 17.16 -11.78 -8.14
CA TYR A 182 17.91 -10.96 -9.09
C TYR A 182 18.78 -9.94 -8.38
N ILE A 183 18.21 -9.29 -7.37
CA ILE A 183 18.92 -8.27 -6.59
C ILE A 183 20.08 -8.86 -5.77
N GLU A 184 19.88 -10.08 -5.27
CA GLU A 184 20.89 -10.79 -4.50
C GLU A 184 22.07 -11.06 -5.44
N ASN A 185 21.77 -11.59 -6.63
CA ASN A 185 22.77 -11.92 -7.63
C ASN A 185 23.56 -10.70 -8.11
N GLN A 186 22.93 -9.54 -8.14
CA GLN A 186 23.58 -8.31 -8.55
C GLN A 186 24.67 -7.94 -7.54
N VAL A 187 24.34 -8.11 -6.26
CA VAL A 187 25.26 -7.83 -5.18
C VAL A 187 26.41 -8.82 -5.18
N LYS A 188 26.12 -10.08 -5.45
CA LYS A 188 27.12 -11.12 -5.47
C LYS A 188 28.06 -11.05 -6.68
N THR A 189 27.55 -10.55 -7.81
CA THR A 189 28.35 -10.41 -9.03
C THR A 189 29.35 -9.27 -8.82
N ASN A 190 29.00 -8.33 -7.96
CA ASN A 190 29.84 -7.18 -7.66
C ASN A 190 30.16 -7.19 -6.17
N PHE A 191 30.31 -8.39 -5.63
CA PHE A 191 30.60 -8.53 -4.20
C PHE A 191 31.78 -7.73 -3.70
N ASN A 192 32.85 -7.74 -4.47
CA ASN A 192 34.07 -7.05 -4.08
C ASN A 192 34.24 -5.63 -4.53
N ARG A 193 33.15 -4.99 -4.94
CA ARG A 193 33.20 -3.60 -5.39
C ARG A 193 31.89 -2.85 -5.27
N ALA A 194 31.97 -1.56 -5.54
CA ALA A 194 30.83 -0.66 -5.53
C ALA A 194 30.15 -0.78 -6.88
N PHE A 195 28.82 -0.71 -6.90
CA PHE A 195 28.07 -0.78 -8.15
C PHE A 195 26.78 0.03 -8.05
N ASN A 196 26.36 0.59 -9.17
CA ASN A 196 25.13 1.38 -9.23
C ASN A 196 23.96 0.45 -9.53
N PRO A 197 22.87 0.56 -8.75
CA PRO A 197 21.73 -0.32 -9.01
C PRO A 197 21.13 -0.03 -10.39
N ASN A 198 21.07 -1.06 -11.25
CA ASN A 198 20.54 -0.89 -12.62
C ASN A 198 19.02 -0.68 -12.70
N PRO A 199 18.50 -0.28 -13.88
CA PRO A 199 17.05 -0.05 -14.04
C PRO A 199 16.15 -1.22 -13.66
N LYS A 200 16.66 -2.45 -13.81
CA LYS A 200 15.89 -3.61 -13.45
C LYS A 200 15.80 -3.82 -11.92
N VAL A 201 16.91 -3.67 -11.21
CA VAL A 201 16.88 -3.82 -9.75
C VAL A 201 15.93 -2.79 -9.12
N LEU A 202 15.99 -1.55 -9.60
CA LEU A 202 15.14 -0.50 -9.08
C LEU A 202 13.66 -0.70 -9.43
N ASN A 203 13.40 -1.09 -10.68
CA ASN A 203 12.03 -1.32 -11.13
C ASN A 203 11.41 -2.47 -10.34
N LEU A 204 12.21 -3.50 -10.08
CA LEU A 204 11.76 -4.67 -9.33
C LEU A 204 11.34 -4.24 -7.95
N GLN A 205 12.12 -3.35 -7.34
CA GLN A 205 11.83 -2.83 -6.00
C GLN A 205 10.50 -2.05 -6.00
N GLU A 206 10.24 -1.35 -7.11
CA GLU A 206 9.05 -0.49 -7.24
C GLU A 206 7.78 -1.18 -7.69
N THR A 207 7.93 -2.39 -8.19
CA THR A 207 6.78 -3.15 -8.69
C THR A 207 6.60 -4.46 -7.95
N TRP A 208 7.23 -4.61 -6.79
CA TRP A 208 7.15 -5.84 -6.00
C TRP A 208 5.71 -6.18 -5.62
N GLY A 209 4.98 -5.18 -5.12
CA GLY A 209 3.60 -5.39 -4.74
C GLY A 209 2.76 -5.88 -5.90
N LYS A 210 2.87 -5.18 -7.04
CA LYS A 210 2.14 -5.53 -8.26
C LYS A 210 2.49 -6.94 -8.71
N ILE A 211 3.79 -7.23 -8.78
CA ILE A 211 4.28 -8.54 -9.17
C ILE A 211 3.69 -9.63 -8.27
N SER A 212 3.66 -9.35 -6.97
CA SER A 212 3.17 -10.30 -5.99
C SER A 212 1.67 -10.56 -6.15
N THR A 213 0.92 -9.49 -6.39
CA THR A 213 -0.52 -9.60 -6.61
C THR A 213 -0.72 -10.36 -7.92
N ALA A 214 -0.08 -9.88 -8.97
CA ALA A 214 -0.18 -10.50 -10.29
C ALA A 214 0.09 -11.99 -10.27
N ILE A 215 1.12 -12.42 -9.53
CA ILE A 215 1.46 -13.84 -9.43
C ILE A 215 0.45 -14.57 -8.56
N HIS A 216 0.00 -13.91 -7.50
CA HIS A 216 -0.98 -14.51 -6.60
C HIS A 216 -2.29 -14.77 -7.36
N ASP A 217 -2.71 -13.78 -8.15
CA ASP A 217 -3.95 -13.86 -8.92
C ASP A 217 -3.82 -14.61 -10.24
N ALA A 218 -2.60 -14.99 -10.61
CA ALA A 218 -2.36 -15.71 -11.87
C ALA A 218 -3.15 -17.00 -12.02
N LYS A 219 -3.64 -17.21 -13.24
CA LYS A 219 -4.45 -18.37 -13.61
C LYS A 219 -3.63 -19.28 -14.49
N ASN A 220 -3.38 -20.51 -14.04
CA ASN A 220 -2.57 -21.46 -14.81
C ASN A 220 -1.15 -20.95 -15.08
N GLY A 221 -0.81 -19.80 -14.52
CA GLY A 221 0.50 -19.23 -14.74
C GLY A 221 0.43 -18.01 -15.62
N VAL A 222 -0.78 -17.61 -15.98
CA VAL A 222 -0.98 -16.45 -16.83
C VAL A 222 -1.35 -15.26 -15.95
N LEU A 223 -0.55 -14.22 -16.03
CA LEU A 223 -0.81 -13.03 -15.25
C LEU A 223 -2.13 -12.44 -15.71
N PRO A 224 -3.02 -12.11 -14.75
CA PRO A 224 -4.35 -11.53 -14.98
C PRO A 224 -4.36 -10.64 -16.22
N LYS A 225 -3.34 -9.79 -16.31
CA LYS A 225 -3.15 -8.90 -17.45
C LYS A 225 -1.64 -8.74 -17.62
N PRO A 226 -1.20 -8.19 -18.77
CA PRO A 226 0.23 -8.02 -18.99
C PRO A 226 0.87 -7.04 -18.01
N LEU A 227 2.02 -7.44 -17.45
CA LEU A 227 2.74 -6.62 -16.49
C LEU A 227 3.96 -5.96 -17.15
N GLU A 228 4.00 -4.64 -17.14
CA GLU A 228 5.11 -3.91 -17.76
C GLU A 228 6.23 -3.53 -16.80
N LEU A 229 7.34 -4.26 -16.88
CA LEU A 229 8.52 -4.00 -16.05
C LEU A 229 9.61 -3.44 -16.98
N VAL A 230 10.84 -3.33 -16.49
CA VAL A 230 11.96 -2.85 -17.30
C VAL A 230 13.19 -3.71 -17.01
N ASP A 231 13.94 -4.05 -18.06
CA ASP A 231 15.14 -4.88 -17.90
C ASP A 231 16.38 -4.12 -17.43
N ALA A 232 17.54 -4.78 -17.44
CA ALA A 232 18.79 -4.17 -16.97
C ALA A 232 19.23 -2.95 -17.77
N SER A 233 18.93 -2.96 -19.07
CA SER A 233 19.29 -1.85 -19.94
C SER A 233 18.32 -0.67 -19.81
N GLY A 234 17.23 -0.89 -19.09
CA GLY A 234 16.24 0.16 -18.92
C GLY A 234 15.17 0.12 -19.99
N ALA A 235 15.09 -1.01 -20.68
CA ALA A 235 14.12 -1.20 -21.75
C ALA A 235 12.82 -1.84 -21.24
N LYS A 236 11.72 -1.50 -21.93
CA LYS A 236 10.40 -2.02 -21.61
C LYS A 236 10.46 -3.54 -21.58
N TRP A 237 9.90 -4.13 -20.53
CA TRP A 237 9.91 -5.57 -20.39
C TRP A 237 8.52 -6.04 -19.96
N ILE A 238 7.76 -6.51 -20.95
CA ILE A 238 6.40 -7.00 -20.73
C ILE A 238 6.37 -8.48 -20.42
N VAL A 239 5.83 -8.80 -19.25
CA VAL A 239 5.73 -10.17 -18.77
C VAL A 239 4.27 -10.62 -18.84
N LEU A 240 4.08 -11.84 -19.32
CA LEU A 240 2.75 -12.42 -19.49
C LEU A 240 2.55 -13.65 -18.62
N ARG A 241 3.65 -14.28 -18.24
CA ARG A 241 3.56 -15.47 -17.41
C ARG A 241 4.37 -15.38 -16.15
N VAL A 242 4.06 -16.27 -15.21
CA VAL A 242 4.76 -16.33 -13.94
C VAL A 242 6.17 -16.87 -14.17
N ASP A 243 6.34 -17.74 -15.16
CA ASP A 243 7.66 -18.30 -15.48
C ASP A 243 8.66 -17.25 -15.93
N GLU A 244 8.15 -16.12 -16.41
CA GLU A 244 8.97 -15.02 -16.92
C GLU A 244 9.52 -14.05 -15.88
N ILE A 245 8.89 -14.01 -14.71
CA ILE A 245 9.33 -13.09 -13.65
C ILE A 245 9.79 -13.86 -12.41
N LYS A 246 9.33 -15.10 -12.29
CA LYS A 246 9.63 -15.97 -11.17
C LYS A 246 11.10 -16.13 -10.85
N PRO A 247 11.95 -16.38 -11.87
CA PRO A 247 13.37 -16.55 -11.57
C PRO A 247 13.96 -15.43 -10.72
N ASP A 248 13.51 -14.21 -10.96
CA ASP A 248 14.00 -13.05 -10.24
C ASP A 248 13.34 -12.82 -8.88
N VAL A 249 12.33 -13.60 -8.53
CA VAL A 249 11.60 -13.43 -7.27
C VAL A 249 11.85 -14.51 -6.22
N ALA A 250 12.16 -14.07 -5.01
CA ALA A 250 12.42 -14.99 -3.91
C ALA A 250 11.25 -15.04 -2.95
N LEU A 251 10.70 -13.87 -2.64
CA LEU A 251 9.54 -13.76 -1.73
C LEU A 251 8.46 -12.89 -2.34
N LEU A 252 7.21 -13.26 -2.11
CA LEU A 252 6.03 -12.54 -2.60
C LEU A 252 5.41 -11.77 -1.46
N ASN A 253 4.96 -10.55 -1.71
CA ASN A 253 4.29 -9.79 -0.66
C ASN A 253 3.04 -10.56 -0.30
N TYR A 254 2.64 -10.48 0.96
CA TYR A 254 1.45 -11.18 1.39
C TYR A 254 0.28 -10.63 0.58
N VAL A 255 -0.46 -11.54 -0.05
CA VAL A 255 -1.64 -11.16 -0.82
C VAL A 255 -2.80 -12.06 -0.34
N GLY A 256 -3.79 -11.42 0.26
CA GLY A 256 -4.93 -12.16 0.77
C GLY A 256 -5.68 -13.01 -0.24
N GLY A 257 -6.00 -14.23 0.15
CA GLY A 257 -6.74 -15.12 -0.71
C GLY A 257 -5.99 -16.39 -1.11
N SER A 258 -6.74 -17.33 -1.69
CA SER A 258 -6.16 -18.58 -2.16
C SER A 258 -5.55 -18.35 -3.54
N CYS A 259 -4.58 -19.19 -3.90
CA CYS A 259 -3.89 -19.06 -5.17
C CYS A 259 -3.37 -20.42 -5.57
N GLN A 260 -2.98 -20.55 -6.84
CA GLN A 260 -2.43 -21.81 -7.32
C GLN A 260 -1.09 -21.93 -6.60
N THR A 261 -1.07 -22.74 -5.54
CA THR A 261 0.11 -22.92 -4.70
C THR A 261 1.39 -23.35 -5.39
N THR A 262 1.27 -24.18 -6.42
CA THR A 262 2.44 -24.63 -7.18
C THR A 262 2.23 -24.36 -8.66
N VAL B 1 -16.74 10.74 14.56
CA VAL B 1 -16.86 10.46 13.11
C VAL B 1 -18.10 11.13 12.55
N ASN B 2 -17.98 11.62 11.32
CA ASN B 2 -19.11 12.26 10.64
C ASN B 2 -19.62 11.38 9.50
N THR B 3 -20.91 11.48 9.23
CA THR B 3 -21.51 10.73 8.15
C THR B 3 -22.13 11.67 7.10
N ILE B 4 -21.88 11.33 5.84
CA ILE B 4 -22.40 12.10 4.72
C ILE B 4 -23.61 11.34 4.23
N ILE B 5 -24.78 11.98 4.30
CA ILE B 5 -26.00 11.31 3.85
C ILE B 5 -26.34 11.62 2.39
N TYR B 6 -26.46 10.57 1.59
CA TYR B 6 -26.78 10.71 0.19
C TYR B 6 -28.06 9.95 -0.10
N ASN B 7 -29.04 10.66 -0.62
CA ASN B 7 -30.32 10.06 -0.98
C ASN B 7 -30.15 9.48 -2.38
N VAL B 8 -30.05 8.17 -2.46
CA VAL B 8 -29.90 7.50 -3.75
C VAL B 8 -31.26 7.31 -4.40
N GLY B 9 -32.31 7.21 -3.58
CA GLY B 9 -33.66 7.03 -4.09
C GLY B 9 -34.21 8.20 -4.88
N SER B 10 -33.83 9.41 -4.53
CA SER B 10 -34.32 10.62 -5.19
C SER B 10 -33.24 11.70 -5.22
N THR B 11 -32.64 11.88 -6.40
CA THR B 11 -31.55 12.86 -6.61
C THR B 11 -31.53 13.54 -7.98
N THR B 12 -30.55 14.44 -8.10
CA THR B 12 -30.24 15.24 -9.28
C THR B 12 -28.71 15.22 -9.35
N ILE B 13 -28.13 15.73 -10.44
CA ILE B 13 -26.68 15.75 -10.57
C ILE B 13 -26.03 16.74 -9.60
N SER B 14 -26.76 17.81 -9.26
CA SER B 14 -26.27 18.82 -8.35
C SER B 14 -26.23 18.29 -6.93
N LYS B 15 -27.04 17.27 -6.65
CA LYS B 15 -27.07 16.67 -5.32
C LYS B 15 -25.95 15.66 -5.18
N TYR B 16 -25.62 15.02 -6.30
CA TYR B 16 -24.54 14.06 -6.34
C TYR B 16 -23.22 14.80 -6.22
N ALA B 17 -23.13 15.95 -6.89
CA ALA B 17 -21.94 16.79 -6.86
C ALA B 17 -21.73 17.39 -5.48
N THR B 18 -22.84 17.65 -4.79
CA THR B 18 -22.83 18.21 -3.44
C THR B 18 -22.39 17.13 -2.46
N PHE B 19 -22.86 15.91 -2.72
CA PHE B 19 -22.55 14.75 -1.92
C PHE B 19 -21.03 14.49 -1.96
N LEU B 20 -20.49 14.33 -3.17
CA LEU B 20 -19.07 14.08 -3.36
C LEU B 20 -18.24 15.24 -2.82
N ASN B 21 -18.74 16.45 -3.00
CA ASN B 21 -18.06 17.66 -2.52
C ASN B 21 -17.95 17.64 -0.99
N ASP B 22 -19.01 17.16 -0.33
CA ASP B 22 -19.04 17.08 1.12
C ASP B 22 -18.10 15.97 1.62
N LEU B 23 -18.12 14.83 0.93
CA LEU B 23 -17.28 13.70 1.26
C LEU B 23 -15.78 14.02 1.06
N ARG B 24 -15.47 14.85 0.07
CA ARG B 24 -14.09 15.25 -0.22
C ARG B 24 -13.62 16.24 0.83
N ASN B 25 -14.49 17.19 1.19
CA ASN B 25 -14.17 18.21 2.18
C ASN B 25 -14.03 17.58 3.58
N GLU B 26 -14.66 16.43 3.77
CA GLU B 26 -14.62 15.74 5.06
C GLU B 26 -13.39 14.81 5.11
N ALA B 27 -13.19 14.06 4.04
CA ALA B 27 -12.08 13.14 3.91
C ALA B 27 -10.70 13.83 3.89
N LYS B 28 -10.55 14.83 3.03
CA LYS B 28 -9.29 15.55 2.87
C LYS B 28 -8.65 16.10 4.14
N ASP B 29 -7.33 16.30 4.10
CA ASP B 29 -6.64 16.85 5.24
C ASP B 29 -6.93 18.33 5.14
N PRO B 30 -7.12 19.00 6.29
CA PRO B 30 -7.42 20.43 6.15
C PRO B 30 -6.30 21.29 5.58
N SER B 31 -5.16 20.69 5.23
CA SER B 31 -4.06 21.48 4.68
C SER B 31 -3.15 20.78 3.71
N LEU B 32 -3.04 19.45 3.81
CA LEU B 32 -2.17 18.70 2.92
C LEU B 32 -2.66 18.75 1.47
N LYS B 33 -1.78 19.24 0.59
CA LYS B 33 -2.05 19.32 -0.85
C LYS B 33 -0.76 19.42 -1.65
N CYS B 34 -0.75 18.80 -2.83
CA CYS B 34 0.39 18.82 -3.75
C CYS B 34 -0.13 19.30 -5.10
N TYR B 35 0.34 20.47 -5.53
CA TYR B 35 -0.05 21.07 -6.81
C TYR B 35 -1.50 21.51 -6.84
N GLY B 36 -1.96 22.04 -5.71
CA GLY B 36 -3.33 22.51 -5.60
C GLY B 36 -4.39 21.44 -5.47
N ILE B 37 -3.99 20.19 -5.41
CA ILE B 37 -4.94 19.09 -5.26
C ILE B 37 -4.94 18.65 -3.80
N PRO B 38 -6.14 18.48 -3.20
CA PRO B 38 -6.21 18.05 -1.81
C PRO B 38 -5.72 16.62 -1.63
N MET B 39 -4.99 16.40 -0.55
CA MET B 39 -4.45 15.09 -0.23
C MET B 39 -5.20 14.53 0.99
N LEU B 40 -5.33 13.21 1.04
CA LEU B 40 -5.97 12.57 2.19
C LEU B 40 -5.06 12.77 3.40
N PRO B 41 -5.51 12.38 4.59
CA PRO B 41 -4.57 12.62 5.69
C PRO B 41 -3.69 11.46 6.15
N ASN B 42 -2.71 11.80 6.99
CA ASN B 42 -1.80 10.82 7.57
C ASN B 42 -2.68 9.96 8.49
N THR B 43 -2.43 8.66 8.54
CA THR B 43 -3.20 7.76 9.38
C THR B 43 -3.32 8.22 10.86
N ASN B 44 -2.34 8.98 11.33
CA ASN B 44 -2.36 9.45 12.72
C ASN B 44 -3.36 10.58 12.97
N THR B 45 -3.87 11.16 11.90
CA THR B 45 -4.82 12.27 11.98
C THR B 45 -6.21 11.78 12.38
N ASN B 46 -6.87 12.56 13.21
CA ASN B 46 -8.20 12.20 13.65
C ASN B 46 -9.21 13.23 13.15
N PRO B 47 -10.43 12.79 12.80
CA PRO B 47 -10.86 11.39 12.86
C PRO B 47 -10.21 10.58 11.75
N LYS B 48 -10.12 9.28 11.95
CA LYS B 48 -9.50 8.43 10.97
C LYS B 48 -10.48 7.93 9.93
N TYR B 49 -11.78 8.16 10.17
CA TYR B 49 -12.81 7.66 9.26
C TYR B 49 -13.92 8.63 8.92
N VAL B 50 -14.73 8.24 7.94
CA VAL B 50 -15.88 9.02 7.49
C VAL B 50 -16.93 8.02 7.00
N LEU B 51 -18.17 8.23 7.43
CA LEU B 51 -19.26 7.35 7.04
C LEU B 51 -20.06 7.96 5.89
N VAL B 52 -20.67 7.09 5.11
CA VAL B 52 -21.47 7.53 3.97
C VAL B 52 -22.79 6.76 3.98
N GLU B 53 -23.83 7.42 4.45
CA GLU B 53 -25.13 6.81 4.49
C GLU B 53 -25.80 6.92 3.12
N LEU B 54 -26.14 5.78 2.55
CA LEU B 54 -26.77 5.69 1.24
C LEU B 54 -28.24 5.33 1.40
N GLN B 55 -29.09 6.34 1.29
CA GLN B 55 -30.52 6.12 1.44
C GLN B 55 -31.21 5.70 0.14
N GLY B 56 -31.43 4.40 0.01
CA GLY B 56 -32.11 3.85 -1.15
C GLY B 56 -33.62 4.06 -1.06
N SER B 57 -34.37 3.53 -2.01
CA SER B 57 -35.82 3.68 -2.04
C SER B 57 -36.41 2.63 -1.15
N ASN B 58 -37.72 2.73 -0.91
CA ASN B 58 -38.43 1.77 -0.09
C ASN B 58 -37.79 1.59 1.30
N LYS B 59 -37.29 2.69 1.85
CA LYS B 59 -36.66 2.73 3.18
C LYS B 59 -35.44 1.81 3.35
N LYS B 60 -34.75 1.54 2.26
CA LYS B 60 -33.56 0.69 2.28
C LYS B 60 -32.33 1.59 2.37
N THR B 61 -31.60 1.47 3.47
CA THR B 61 -30.38 2.27 3.65
C THR B 61 -29.18 1.36 3.96
N ILE B 62 -28.00 1.84 3.60
CA ILE B 62 -26.73 1.14 3.84
C ILE B 62 -25.73 2.25 4.10
N THR B 63 -24.96 2.13 5.20
CA THR B 63 -23.94 3.13 5.52
C THR B 63 -22.58 2.49 5.29
N LEU B 64 -21.73 3.25 4.59
CA LEU B 64 -20.38 2.81 4.26
C LEU B 64 -19.35 3.45 5.19
N MET B 65 -18.39 2.64 5.64
CA MET B 65 -17.34 3.17 6.50
C MET B 65 -16.08 3.31 5.68
N LEU B 66 -15.56 4.53 5.59
CA LEU B 66 -14.36 4.80 4.80
C LEU B 66 -13.20 5.37 5.61
N ARG B 67 -12.03 4.79 5.39
CA ARG B 67 -10.80 5.23 6.04
C ARG B 67 -10.37 6.51 5.32
N ARG B 68 -10.19 7.60 6.05
CA ARG B 68 -9.78 8.86 5.44
C ARG B 68 -8.40 8.88 4.80
N ASN B 69 -7.48 8.06 5.32
CA ASN B 69 -6.10 8.00 4.84
C ASN B 69 -5.97 7.64 3.36
N ASN B 70 -6.78 6.70 2.90
CA ASN B 70 -6.75 6.25 1.51
C ASN B 70 -8.16 6.08 0.89
N LEU B 71 -9.19 6.59 1.57
CA LEU B 71 -10.59 6.51 1.14
C LEU B 71 -11.16 5.10 0.87
N TYR B 72 -10.47 4.06 1.31
CA TYR B 72 -10.95 2.70 1.09
C TYR B 72 -12.17 2.40 1.95
N VAL B 73 -13.07 1.60 1.41
CA VAL B 73 -14.28 1.19 2.13
C VAL B 73 -13.85 0.02 3.00
N MET B 74 -14.01 0.15 4.31
CA MET B 74 -13.61 -0.92 5.23
C MET B 74 -14.75 -1.88 5.51
N GLY B 75 -15.97 -1.37 5.39
CA GLY B 75 -17.15 -2.18 5.61
C GLY B 75 -18.39 -1.34 5.46
N TYR B 76 -19.55 -1.92 5.73
CA TYR B 76 -20.82 -1.21 5.64
C TYR B 76 -21.78 -1.74 6.69
N SER B 77 -22.86 -1.00 6.95
CA SER B 77 -23.87 -1.42 7.91
C SER B 77 -25.24 -1.18 7.30
N ASP B 78 -26.25 -1.83 7.86
CA ASP B 78 -27.60 -1.64 7.37
C ASP B 78 -28.59 -1.88 8.49
N PRO B 79 -29.73 -1.15 8.46
CA PRO B 79 -30.70 -1.39 9.53
C PRO B 79 -31.20 -2.80 9.31
N PHE B 80 -31.19 -3.58 10.37
CA PHE B 80 -31.61 -4.95 10.26
C PHE B 80 -32.59 -5.25 11.39
N GLU B 81 -33.59 -6.08 11.08
CA GLU B 81 -34.65 -6.49 12.00
C GLU B 81 -35.21 -5.32 12.80
N THR B 82 -35.37 -5.46 14.12
CA THR B 82 -35.90 -4.35 14.90
C THR B 82 -34.88 -3.22 15.10
N ASN B 83 -34.37 -3.08 16.32
CA ASN B 83 -33.40 -2.04 16.64
C ASN B 83 -31.96 -2.39 16.24
N LYS B 84 -31.78 -3.44 15.43
CA LYS B 84 -30.46 -3.90 15.01
C LYS B 84 -29.70 -3.05 13.98
N CYS B 85 -28.38 -3.17 14.03
CA CYS B 85 -27.46 -2.48 13.13
C CYS B 85 -26.52 -3.59 12.74
N ARG B 86 -26.60 -4.05 11.49
CA ARG B 86 -25.75 -5.13 11.00
C ARG B 86 -24.48 -4.55 10.36
N TYR B 87 -23.32 -4.86 10.92
CA TYR B 87 -22.04 -4.35 10.38
C TYR B 87 -21.31 -5.45 9.63
N HIS B 88 -20.74 -5.10 8.48
CA HIS B 88 -20.06 -6.06 7.64
C HIS B 88 -18.66 -5.53 7.39
N ILE B 89 -17.68 -6.16 8.02
CA ILE B 89 -16.29 -5.76 7.89
C ILE B 89 -15.63 -6.58 6.80
N PHE B 90 -14.81 -5.91 5.98
CA PHE B 90 -14.09 -6.58 4.90
C PHE B 90 -13.07 -7.53 5.53
N ASN B 91 -12.80 -8.63 4.85
CA ASN B 91 -11.87 -9.60 5.39
C ASN B 91 -10.41 -9.13 5.43
N ASP B 92 -10.13 -8.03 4.73
CA ASP B 92 -8.78 -7.48 4.73
C ASP B 92 -8.61 -6.39 5.78
N ILE B 93 -9.55 -6.32 6.70
CA ILE B 93 -9.47 -5.35 7.79
C ILE B 93 -8.91 -6.15 8.96
N SER B 94 -7.90 -5.60 9.63
CA SER B 94 -7.23 -6.31 10.73
C SER B 94 -7.07 -5.48 12.00
N GLY B 95 -6.68 -6.17 13.07
CA GLY B 95 -6.42 -5.56 14.36
C GLY B 95 -7.51 -4.70 14.97
N THR B 96 -7.10 -3.53 15.44
CA THR B 96 -8.00 -2.57 16.06
C THR B 96 -9.03 -1.97 15.08
N GLU B 97 -8.69 -1.96 13.78
CA GLU B 97 -9.59 -1.44 12.76
C GLU B 97 -10.88 -2.25 12.67
N ARG B 98 -10.77 -3.53 12.99
CA ARG B 98 -11.95 -4.38 12.98
C ARG B 98 -12.87 -4.02 14.12
N GLN B 99 -12.30 -3.47 15.19
CA GLN B 99 -13.10 -3.05 16.33
C GLN B 99 -13.64 -1.67 15.99
N ASP B 100 -12.90 -0.95 15.16
CA ASP B 100 -13.30 0.38 14.72
C ASP B 100 -14.47 0.36 13.76
N VAL B 101 -14.48 -0.60 12.85
CA VAL B 101 -15.56 -0.72 11.87
C VAL B 101 -16.85 -1.06 12.63
N GLU B 102 -16.72 -1.97 13.59
CA GLU B 102 -17.84 -2.41 14.42
C GLU B 102 -18.43 -1.29 15.28
N THR B 103 -17.56 -0.61 16.03
CA THR B 103 -18.00 0.47 16.91
C THR B 103 -18.30 1.78 16.22
N THR B 104 -17.66 2.04 15.09
CA THR B 104 -17.90 3.29 14.36
C THR B 104 -19.17 3.16 13.52
N LEU B 105 -19.41 1.98 12.97
CA LEU B 105 -20.62 1.76 12.19
C LEU B 105 -21.84 1.65 13.07
N CYS B 106 -21.76 0.78 14.08
CA CYS B 106 -22.85 0.54 15.01
C CYS B 106 -22.47 0.90 16.44
N PRO B 107 -22.61 2.18 16.82
CA PRO B 107 -22.30 2.74 18.15
C PRO B 107 -22.99 2.03 19.30
N ASN B 108 -24.26 1.69 19.10
CA ASN B 108 -25.03 0.99 20.12
C ASN B 108 -24.61 -0.47 20.15
N ALA B 109 -23.74 -0.79 21.10
CA ALA B 109 -23.21 -2.15 21.28
C ALA B 109 -24.31 -3.16 21.60
N ASN B 110 -25.34 -2.66 22.28
CA ASN B 110 -26.48 -3.47 22.69
C ASN B 110 -27.25 -4.09 21.52
N SER B 111 -27.50 -3.30 20.47
CA SER B 111 -28.29 -3.80 19.33
C SER B 111 -27.56 -4.04 18.01
N ARG B 112 -26.22 -4.11 18.03
CA ARG B 112 -25.49 -4.35 16.80
C ARG B 112 -25.19 -5.84 16.59
N VAL B 113 -25.27 -6.27 15.35
CA VAL B 113 -25.00 -7.65 14.99
C VAL B 113 -23.98 -7.63 13.86
N SER B 114 -23.27 -8.74 13.70
CA SER B 114 -22.24 -8.87 12.69
C SER B 114 -22.58 -9.76 11.51
N LYS B 115 -22.12 -9.36 10.35
CA LYS B 115 -22.29 -10.17 9.15
C LYS B 115 -21.06 -9.89 8.30
N ASN B 116 -20.03 -10.68 8.54
CA ASN B 116 -18.75 -10.56 7.86
C ASN B 116 -18.76 -10.60 6.35
N ILE B 117 -17.94 -9.74 5.75
CA ILE B 117 -17.78 -9.76 4.31
C ILE B 117 -16.60 -10.75 4.18
N ASN B 118 -16.94 -11.97 3.76
CA ASN B 118 -16.01 -13.06 3.62
C ASN B 118 -14.99 -13.03 2.50
N PHE B 119 -14.62 -11.84 2.08
CA PHE B 119 -13.64 -11.65 1.02
C PHE B 119 -13.08 -10.24 1.15
N ASP B 120 -11.96 -9.98 0.48
CA ASP B 120 -11.34 -8.66 0.57
C ASP B 120 -11.92 -7.65 -0.43
N SER B 121 -11.49 -6.41 -0.31
CA SER B 121 -11.94 -5.32 -1.16
C SER B 121 -11.25 -5.15 -2.51
N ARG B 122 -10.28 -6.00 -2.83
CA ARG B 122 -9.58 -5.90 -4.10
C ARG B 122 -10.51 -6.14 -5.27
N TYR B 123 -10.39 -5.34 -6.32
CA TYR B 123 -11.25 -5.51 -7.49
C TYR B 123 -11.27 -6.90 -8.10
N PRO B 124 -10.11 -7.58 -8.20
CA PRO B 124 -10.15 -8.93 -8.78
C PRO B 124 -10.98 -9.88 -7.96
N THR B 125 -11.01 -9.62 -6.67
CA THR B 125 -11.78 -10.44 -5.73
C THR B 125 -13.26 -10.13 -5.93
N LEU B 126 -13.60 -8.86 -5.86
CA LEU B 126 -14.98 -8.43 -6.03
C LEU B 126 -15.51 -8.89 -7.38
N GLU B 127 -14.71 -8.74 -8.43
CA GLU B 127 -15.11 -9.15 -9.77
C GLU B 127 -15.30 -10.66 -9.80
N SER B 128 -14.46 -11.38 -9.07
CA SER B 128 -14.53 -12.82 -9.02
C SER B 128 -15.84 -13.25 -8.35
N LYS B 129 -16.22 -12.53 -7.30
CA LYS B 129 -17.45 -12.80 -6.56
C LYS B 129 -18.66 -12.45 -7.44
N ALA B 130 -18.57 -11.33 -8.15
CA ALA B 130 -19.62 -10.86 -9.05
C ALA B 130 -19.75 -11.77 -10.28
N GLY B 131 -18.78 -12.64 -10.47
CA GLY B 131 -18.80 -13.57 -11.58
C GLY B 131 -18.48 -12.92 -12.92
N VAL B 132 -17.58 -11.93 -12.91
CA VAL B 132 -17.17 -11.23 -14.12
C VAL B 132 -15.64 -11.13 -14.22
N LYS B 133 -15.09 -11.21 -15.43
CA LYS B 133 -13.63 -11.11 -15.58
C LYS B 133 -13.19 -9.65 -15.46
N SER B 134 -14.14 -8.73 -15.57
CA SER B 134 -13.84 -7.32 -15.43
C SER B 134 -15.08 -6.60 -14.94
N ARG B 135 -14.88 -5.60 -14.09
CA ARG B 135 -15.97 -4.82 -13.54
C ARG B 135 -16.60 -3.94 -14.62
N SER B 136 -16.02 -3.96 -15.83
CA SER B 136 -16.53 -3.19 -16.97
C SER B 136 -17.87 -3.80 -17.32
N GLN B 137 -18.02 -5.07 -16.98
CA GLN B 137 -19.25 -5.84 -17.22
C GLN B 137 -20.38 -5.56 -16.22
N VAL B 138 -20.08 -4.78 -15.19
CA VAL B 138 -21.08 -4.43 -14.18
C VAL B 138 -21.35 -2.94 -14.36
N GLN B 139 -22.50 -2.62 -14.93
CA GLN B 139 -22.83 -1.23 -15.14
C GLN B 139 -23.05 -0.49 -13.83
N LEU B 140 -22.71 0.78 -13.84
CA LEU B 140 -22.87 1.67 -12.70
C LEU B 140 -24.04 2.56 -13.06
N GLY B 141 -24.63 3.21 -12.07
CA GLY B 141 -25.76 4.09 -12.32
C GLY B 141 -26.55 4.27 -11.06
N ILE B 142 -27.21 5.41 -10.92
CA ILE B 142 -28.01 5.72 -9.73
C ILE B 142 -29.03 4.64 -9.43
N GLN B 143 -29.95 4.41 -10.37
CA GLN B 143 -30.98 3.40 -10.19
C GLN B 143 -30.40 2.01 -9.90
N ILE B 144 -29.19 1.75 -10.41
CA ILE B 144 -28.53 0.46 -10.19
C ILE B 144 -28.05 0.36 -8.74
N LEU B 145 -27.49 1.45 -8.22
CA LEU B 145 -27.00 1.50 -6.86
C LEU B 145 -28.19 1.27 -5.93
N ASP B 146 -29.24 2.05 -6.16
CA ASP B 146 -30.48 1.99 -5.41
C ASP B 146 -30.99 0.56 -5.31
N SER B 147 -30.91 -0.15 -6.42
CA SER B 147 -31.37 -1.52 -6.51
C SER B 147 -30.43 -2.54 -5.83
N ASN B 148 -29.15 -2.22 -5.75
CA ASN B 148 -28.21 -3.13 -5.11
C ASN B 148 -28.33 -3.00 -3.59
N ILE B 149 -28.64 -1.79 -3.15
CA ILE B 149 -28.84 -1.46 -1.75
C ILE B 149 -30.09 -2.23 -1.27
N GLY B 150 -31.15 -2.19 -2.08
CA GLY B 150 -32.38 -2.88 -1.76
C GLY B 150 -32.21 -4.38 -1.60
N LYS B 151 -31.33 -4.99 -2.40
CA LYS B 151 -31.09 -6.43 -2.34
C LYS B 151 -30.29 -6.91 -1.11
N ILE B 152 -29.76 -5.96 -0.33
CA ILE B 152 -28.93 -6.25 0.85
C ILE B 152 -29.53 -5.70 2.16
N SER B 153 -29.89 -4.43 2.14
CA SER B 153 -30.45 -3.74 3.29
C SER B 153 -31.66 -4.45 3.92
N GLY B 154 -31.43 -5.03 5.10
CA GLY B 154 -32.50 -5.71 5.82
C GLY B 154 -32.74 -7.15 5.43
N VAL B 155 -32.12 -7.59 4.34
CA VAL B 155 -32.30 -8.96 3.89
C VAL B 155 -31.26 -9.81 4.61
N MET B 156 -31.77 -10.82 5.32
CA MET B 156 -30.97 -11.73 6.12
C MET B 156 -29.92 -12.51 5.33
N SER B 157 -30.32 -13.00 4.17
CA SER B 157 -29.43 -13.77 3.33
C SER B 157 -29.37 -13.22 1.92
N PHE B 158 -28.16 -12.91 1.48
CA PHE B 158 -27.89 -12.44 0.13
C PHE B 158 -26.58 -13.12 -0.22
N THR B 159 -26.39 -13.46 -1.47
CA THR B 159 -25.17 -14.16 -1.86
C THR B 159 -23.94 -13.25 -1.95
N GLU B 160 -22.77 -13.86 -2.18
CA GLU B 160 -21.53 -13.11 -2.31
C GLU B 160 -21.53 -12.33 -3.61
N LYS B 161 -22.23 -12.85 -4.62
CA LYS B 161 -22.35 -12.20 -5.92
C LYS B 161 -23.17 -10.94 -5.77
N THR B 162 -24.33 -11.10 -5.13
CA THR B 162 -25.25 -10.00 -4.87
C THR B 162 -24.51 -8.93 -4.09
N GLU B 163 -23.79 -9.37 -3.06
CA GLU B 163 -23.03 -8.47 -2.21
C GLU B 163 -21.86 -7.81 -2.94
N ALA B 164 -21.12 -8.60 -3.73
CA ALA B 164 -19.98 -8.09 -4.49
C ALA B 164 -20.41 -7.07 -5.55
N GLU B 165 -21.58 -7.26 -6.12
CA GLU B 165 -22.12 -6.34 -7.12
C GLU B 165 -22.46 -5.02 -6.46
N PHE B 166 -23.03 -5.06 -5.26
CA PHE B 166 -23.34 -3.81 -4.57
C PHE B 166 -22.02 -3.09 -4.27
N LEU B 167 -21.04 -3.83 -3.75
CA LEU B 167 -19.74 -3.29 -3.40
C LEU B 167 -19.07 -2.64 -4.61
N LEU B 168 -18.99 -3.38 -5.71
CA LEU B 168 -18.41 -2.88 -6.96
C LEU B 168 -19.03 -1.54 -7.37
N VAL B 169 -20.36 -1.49 -7.39
CA VAL B 169 -21.10 -0.28 -7.77
C VAL B 169 -20.91 0.85 -6.77
N ALA B 170 -21.04 0.56 -5.48
CA ALA B 170 -20.91 1.58 -4.44
C ALA B 170 -19.47 2.06 -4.24
N ILE B 171 -18.49 1.19 -4.46
CA ILE B 171 -17.10 1.60 -4.28
C ILE B 171 -16.74 2.67 -5.30
N GLN B 172 -17.17 2.42 -6.52
CA GLN B 172 -16.92 3.30 -7.66
C GLN B 172 -17.68 4.61 -7.67
N MET B 173 -18.97 4.55 -7.34
CA MET B 173 -19.80 5.76 -7.35
C MET B 173 -19.59 6.65 -6.13
N VAL B 174 -18.83 6.15 -5.14
CA VAL B 174 -18.57 6.92 -3.94
C VAL B 174 -17.11 7.35 -3.80
N SER B 175 -16.23 6.42 -3.43
CA SER B 175 -14.82 6.77 -3.26
C SER B 175 -14.09 6.97 -4.58
N GLU B 176 -14.31 6.13 -5.59
CA GLU B 176 -13.64 6.39 -6.85
C GLU B 176 -14.14 7.69 -7.46
N ALA B 177 -15.41 8.03 -7.26
CA ALA B 177 -15.94 9.27 -7.80
C ALA B 177 -15.42 10.46 -6.98
N ALA B 178 -15.18 10.24 -5.68
CA ALA B 178 -14.66 11.29 -4.82
C ALA B 178 -13.17 11.49 -5.11
N ARG B 179 -12.47 10.39 -5.42
CA ARG B 179 -11.04 10.45 -5.72
C ARG B 179 -10.77 11.12 -7.06
N PHE B 180 -11.62 10.82 -8.04
CA PHE B 180 -11.47 11.35 -9.38
C PHE B 180 -12.61 12.23 -9.91
N LYS B 181 -12.28 13.45 -10.35
CA LYS B 181 -13.30 14.35 -10.93
C LYS B 181 -13.87 13.71 -12.17
N TYR B 182 -13.00 13.05 -12.93
CA TYR B 182 -13.39 12.36 -14.15
C TYR B 182 -14.51 11.37 -13.91
N ILE B 183 -14.33 10.52 -12.89
CA ILE B 183 -15.31 9.49 -12.54
C ILE B 183 -16.66 10.07 -12.13
N GLU B 184 -16.61 11.17 -11.37
CA GLU B 184 -17.84 11.86 -10.95
C GLU B 184 -18.60 12.26 -12.22
N ASN B 185 -17.89 12.91 -13.13
CA ASN B 185 -18.46 13.39 -14.39
C ASN B 185 -19.03 12.30 -15.27
N GLN B 186 -18.48 11.10 -15.21
CA GLN B 186 -18.98 10.01 -16.00
C GLN B 186 -20.35 9.62 -15.48
N VAL B 187 -20.48 9.63 -14.16
CA VAL B 187 -21.73 9.29 -13.49
C VAL B 187 -22.79 10.34 -13.79
N LYS B 188 -22.42 11.61 -13.73
CA LYS B 188 -23.36 12.70 -13.98
C LYS B 188 -23.81 12.80 -15.43
N THR B 189 -22.93 12.40 -16.35
CA THR B 189 -23.22 12.42 -17.77
C THR B 189 -24.25 11.36 -18.06
N ASN B 190 -24.17 10.26 -17.34
CA ASN B 190 -25.10 9.15 -17.48
C ASN B 190 -25.95 9.01 -16.23
N PHE B 191 -26.29 10.14 -15.62
CA PHE B 191 -27.06 10.18 -14.38
C PHE B 191 -28.39 9.43 -14.39
N ASN B 192 -29.12 9.52 -15.49
CA ASN B 192 -30.43 8.87 -15.58
C ASN B 192 -30.43 7.53 -16.26
N ARG B 193 -29.27 6.90 -16.31
CA ARG B 193 -29.14 5.59 -16.95
C ARG B 193 -27.96 4.76 -16.48
N ALA B 194 -27.97 3.50 -16.89
CA ALA B 194 -26.90 2.56 -16.58
C ALA B 194 -25.76 2.76 -17.59
N PHE B 195 -24.53 2.59 -17.12
CA PHE B 195 -23.39 2.73 -18.02
C PHE B 195 -22.23 1.84 -17.60
N ASN B 196 -21.50 1.37 -18.59
CA ASN B 196 -20.35 0.52 -18.35
C ASN B 196 -19.14 1.39 -18.07
N PRO B 197 -18.44 1.14 -16.96
CA PRO B 197 -17.27 1.99 -16.70
C PRO B 197 -16.23 1.79 -17.84
N ASN B 198 -15.78 2.89 -18.45
CA ASN B 198 -14.84 2.80 -19.56
C ASN B 198 -13.40 2.48 -19.13
N PRO B 199 -12.50 2.23 -20.09
CA PRO B 199 -11.11 1.91 -19.72
C PRO B 199 -10.38 2.98 -18.92
N LYS B 200 -10.80 4.24 -19.07
CA LYS B 200 -10.16 5.31 -18.33
C LYS B 200 -10.60 5.40 -16.87
N VAL B 201 -11.90 5.24 -16.62
CA VAL B 201 -12.39 5.31 -15.23
C VAL B 201 -11.75 4.16 -14.42
N LEU B 202 -11.64 2.98 -15.02
CA LEU B 202 -11.06 1.81 -14.40
C LEU B 202 -9.56 1.92 -14.19
N ASN B 203 -8.85 2.42 -15.19
CA ASN B 203 -7.40 2.60 -15.10
C ASN B 203 -7.09 3.64 -14.04
N LEU B 204 -7.95 4.66 -13.97
CA LEU B 204 -7.78 5.73 -13.00
C LEU B 204 -7.90 5.19 -11.57
N GLN B 205 -8.74 4.19 -11.40
CA GLN B 205 -8.93 3.55 -10.09
C GLN B 205 -7.70 2.70 -9.74
N GLU B 206 -7.17 2.02 -10.75
CA GLU B 206 -6.02 1.14 -10.60
C GLU B 206 -4.64 1.81 -10.52
N THR B 207 -4.59 3.10 -10.81
CA THR B 207 -3.34 3.85 -10.81
C THR B 207 -3.42 5.04 -9.88
N TRP B 208 -4.42 5.06 -9.01
CA TRP B 208 -4.58 6.17 -8.10
C TRP B 208 -3.39 6.39 -7.16
N GLY B 209 -2.83 5.29 -6.65
CA GLY B 209 -1.68 5.39 -5.76
C GLY B 209 -0.50 5.97 -6.51
N LYS B 210 -0.23 5.41 -7.70
CA LYS B 210 0.88 5.84 -8.55
C LYS B 210 0.75 7.30 -8.91
N ILE B 211 -0.44 7.68 -9.35
CA ILE B 211 -0.74 9.06 -9.70
C ILE B 211 -0.42 10.01 -8.54
N SER B 212 -0.93 9.66 -7.36
CA SER B 212 -0.76 10.51 -6.19
C SER B 212 0.69 10.66 -5.75
N THR B 213 1.45 9.57 -5.90
CA THR B 213 2.87 9.53 -5.57
C THR B 213 3.62 10.39 -6.58
N ALA B 214 3.36 10.14 -7.86
CA ALA B 214 3.99 10.88 -8.96
C ALA B 214 3.74 12.35 -8.81
N ILE B 215 2.50 12.72 -8.49
CA ILE B 215 2.16 14.14 -8.32
C ILE B 215 2.86 14.74 -7.09
N HIS B 216 2.86 13.99 -6.00
CA HIS B 216 3.52 14.40 -4.77
C HIS B 216 5.02 14.58 -4.99
N ASP B 217 5.61 13.67 -5.75
CA ASP B 217 7.03 13.69 -6.04
C ASP B 217 7.41 14.57 -7.23
N ALA B 218 6.41 15.18 -7.87
CA ALA B 218 6.66 16.03 -9.03
C ALA B 218 7.49 17.28 -8.72
N LYS B 219 8.36 17.64 -9.64
CA LYS B 219 9.23 18.81 -9.49
C LYS B 219 8.90 19.82 -10.56
N ASN B 220 8.43 20.98 -10.11
CA ASN B 220 8.02 22.07 -10.98
C ASN B 220 6.78 21.70 -11.80
N GLY B 221 6.27 20.48 -11.55
CA GLY B 221 5.11 19.99 -12.26
C GLY B 221 5.45 18.82 -13.16
N VAL B 222 6.75 18.51 -13.25
CA VAL B 222 7.20 17.41 -14.09
C VAL B 222 7.18 16.14 -13.27
N LEU B 223 6.52 15.12 -13.80
CA LEU B 223 6.41 13.83 -13.13
C LEU B 223 7.79 13.16 -13.15
N PRO B 224 8.28 12.72 -11.97
CA PRO B 224 9.58 12.05 -11.77
C PRO B 224 9.98 11.24 -13.00
N LYS B 225 8.99 10.60 -13.60
CA LYS B 225 9.17 9.82 -14.80
C LYS B 225 7.82 9.77 -15.53
N PRO B 226 7.82 9.33 -16.79
CA PRO B 226 6.57 9.26 -17.54
C PRO B 226 5.61 8.21 -16.99
N LEU B 227 4.37 8.65 -16.73
CA LEU B 227 3.33 7.79 -16.22
C LEU B 227 2.38 7.32 -17.32
N GLU B 228 2.32 6.01 -17.54
CA GLU B 228 1.46 5.44 -18.56
C GLU B 228 0.08 5.07 -18.05
N LEU B 229 -0.93 5.77 -18.55
CA LEU B 229 -2.31 5.55 -18.17
C LEU B 229 -3.02 5.14 -19.47
N VAL B 230 -4.35 5.13 -19.45
CA VAL B 230 -5.12 4.81 -20.65
C VAL B 230 -6.34 5.71 -20.70
N ASP B 231 -6.67 6.18 -21.91
CA ASP B 231 -7.81 7.06 -22.08
C ASP B 231 -9.13 6.31 -22.22
N ALA B 232 -10.21 7.05 -22.44
CA ALA B 232 -11.54 6.46 -22.56
C ALA B 232 -11.72 5.40 -23.64
N SER B 233 -10.93 5.50 -24.70
CA SER B 233 -11.03 4.53 -25.79
C SER B 233 -10.16 3.30 -25.55
N GLY B 234 -9.48 3.29 -24.41
CA GLY B 234 -8.62 2.17 -24.06
C GLY B 234 -7.29 2.26 -24.78
N ALA B 235 -6.85 3.47 -25.05
CA ALA B 235 -5.59 3.71 -25.73
C ALA B 235 -4.56 4.27 -24.77
N LYS B 236 -3.31 3.85 -24.97
CA LYS B 236 -2.17 4.26 -24.17
C LYS B 236 -2.16 5.78 -24.01
N TRP B 237 -2.06 6.22 -22.75
CA TRP B 237 -2.07 7.63 -22.42
C TRP B 237 -0.87 8.02 -21.53
N ILE B 238 0.23 8.44 -22.15
CA ILE B 238 1.41 8.84 -21.42
C ILE B 238 1.38 10.28 -20.94
N VAL B 239 1.44 10.43 -19.62
CA VAL B 239 1.42 11.71 -18.95
C VAL B 239 2.82 12.07 -18.48
N LEU B 240 3.18 13.33 -18.66
CA LEU B 240 4.49 13.82 -18.28
C LEU B 240 4.36 14.95 -17.27
N ARG B 241 3.24 15.66 -17.25
CA ARG B 241 3.09 16.76 -16.31
C ARG B 241 1.85 16.63 -15.44
N VAL B 242 1.84 17.35 -14.32
CA VAL B 242 0.72 17.31 -13.42
C VAL B 242 -0.50 17.98 -14.05
N ASP B 243 -0.26 18.95 -14.94
CA ASP B 243 -1.38 19.64 -15.60
C ASP B 243 -2.18 18.70 -16.48
N GLU B 244 -1.55 17.65 -16.97
CA GLU B 244 -2.20 16.69 -17.84
C GLU B 244 -3.14 15.70 -17.14
N ILE B 245 -2.88 15.41 -15.89
CA ILE B 245 -3.70 14.44 -15.16
C ILE B 245 -4.56 15.09 -14.07
N LYS B 246 -4.12 16.26 -13.60
CA LYS B 246 -4.79 17.03 -12.56
C LYS B 246 -6.28 17.34 -12.75
N PRO B 247 -6.69 17.61 -14.01
CA PRO B 247 -8.12 17.90 -14.15
C PRO B 247 -8.99 16.73 -13.70
N ASP B 248 -8.53 15.51 -13.98
CA ASP B 248 -9.25 14.30 -13.62
C ASP B 248 -9.15 13.87 -12.15
N VAL B 249 -8.36 14.56 -11.36
CA VAL B 249 -8.13 14.18 -9.96
C VAL B 249 -8.64 15.16 -8.92
N ALA B 250 -9.52 14.66 -8.04
CA ALA B 250 -10.11 15.45 -6.96
C ALA B 250 -9.34 15.30 -5.64
N LEU B 251 -8.89 14.08 -5.34
CA LEU B 251 -8.14 13.81 -4.12
C LEU B 251 -6.90 12.97 -4.41
N LEU B 252 -5.83 13.24 -3.68
CA LEU B 252 -4.59 12.47 -3.82
C LEU B 252 -4.45 11.56 -2.60
N ASN B 253 -4.02 10.34 -2.82
CA ASN B 253 -3.81 9.45 -1.68
C ASN B 253 -2.75 10.10 -0.80
N TYR B 254 -2.82 9.85 0.51
CA TYR B 254 -1.81 10.41 1.38
C TYR B 254 -0.47 9.86 0.94
N VAL B 255 0.54 10.73 0.90
CA VAL B 255 1.89 10.35 0.51
C VAL B 255 2.80 11.16 1.42
N GLY B 256 3.60 10.43 2.21
CA GLY B 256 4.50 11.06 3.15
C GLY B 256 5.63 11.85 2.54
N GLY B 257 5.88 13.03 3.09
CA GLY B 257 6.94 13.88 2.60
C GLY B 257 6.40 15.23 2.18
N SER B 258 7.31 16.17 1.98
CA SER B 258 6.95 17.51 1.55
C SER B 258 6.79 17.47 0.03
N CYS B 259 6.04 18.44 -0.49
CA CYS B 259 5.82 18.52 -1.92
C CYS B 259 5.46 19.95 -2.30
N GLN B 260 5.66 20.28 -3.57
CA GLN B 260 5.30 21.60 -4.09
C GLN B 260 3.79 21.62 -3.84
N THR B 261 3.38 22.44 -2.88
CA THR B 261 1.98 22.53 -2.46
C THR B 261 1.02 23.16 -3.46
N THR B 262 1.54 23.97 -4.36
CA THR B 262 0.76 24.63 -5.38
C THR B 262 1.52 24.58 -6.71
C8 APT C . 7.88 2.50 0.63
N9 APT C . 10.35 -0.32 0.31
C9 APT C . 10.87 -0.49 1.50
N3 APT C . 11.75 -1.42 1.78
C10 APT C . 12.19 -1.53 3.02
N2 APT C . 13.02 -2.47 3.22
N1 APT C . 11.87 -0.81 4.05
C11 APT C . 11.00 0.16 3.90
O6 APT C . 10.74 0.86 5.06
C12 APT C . 10.38 0.42 2.60
N7 APT C . 9.45 1.38 2.32
C13 APT C . 8.97 1.46 1.04
C14 APT C . 9.45 0.60 0.04
N4 APT C . 8.25 3.48 -0.37
C1 APT C . 9.09 4.47 -2.37
C2 APT C . 9.53 4.46 -3.68
C3 APT C . 9.54 3.30 -4.45
C4 APT C . 9.09 2.11 -3.86
C5 APT C . 8.65 2.11 -2.52
C6 APT C . 8.65 3.32 -1.77
C7 APT C . 10.06 3.40 -5.84
O2 APT C . 10.10 2.39 -6.57
O3 APT C . 10.44 4.52 -6.26
H82 APT C . 6.99 1.94 0.28
H81 APT C . 7.62 3.06 1.56
H3 APT C . 12.17 -1.99 1.04
H21 APT C . 13.25 -2.99 2.45
H22 APT C . 13.36 -2.58 4.12
H9 APT C . 9.08 0.67 -0.95
HN4 APT C . 8.29 4.44 -0.09
H1 APT C . 9.11 5.40 -1.84
H2 APT C . 9.87 5.38 -4.14
H4 APT C . 9.09 1.19 -4.43
H5 APT C . 8.31 1.18 -2.08
C8 APT D . -7.45 -2.56 -3.51
N9 APT D . -9.56 0.34 -4.63
C9 APT D . -10.47 0.51 -3.69
N3 APT D . -11.36 1.46 -3.72
C10 APT D . -12.24 1.56 -2.73
N2 APT D . -13.06 2.53 -2.84
N1 APT D . -12.36 0.78 -1.65
C11 APT D . -11.51 -0.21 -1.52
O6 APT D . -11.69 -0.95 -0.39
C12 APT D . -10.46 -0.44 -2.53
N7 APT D . -9.52 -1.42 -2.48
C13 APT D . -8.60 -1.50 -3.50
C14 APT D . -8.66 -0.58 -4.59
N4 APT D . -7.49 -3.53 -4.58
C1 APT D . -7.62 -4.51 -6.74
C2 APT D . -7.57 -4.49 -8.10
C3 APT D . -7.29 -3.37 -8.81
C4 APT D . -7.04 -2.18 -8.12
C5 APT D . -7.08 -2.18 -6.71
C6 APT D . -7.38 -3.37 -6.02
C7 APT D . -7.27 -3.47 -10.27
O2 APT D . -7.02 -2.50 -10.90
O3 APT D . -7.52 -4.57 -10.85
H82 APT D . -6.47 -2.03 -3.52
H81 APT D . -7.54 -3.12 -2.55
H3 APT D . -11.52 2.00 -4.58
H21 APT D . -13.88 2.35 -3.31
H22 APT D . -12.79 3.37 -2.43
H9 APT D . -7.95 -0.65 -5.38
HN4 APT D . -7.66 -4.50 -4.34
H1 APT D . -7.85 -5.43 -6.23
H2 APT D . -7.75 -5.39 -8.65
H4 APT D . -6.81 -1.28 -8.66
H5 APT D . -6.89 -1.25 -6.19
#